data_7TXN
#
_entry.id   7TXN
#
_cell.length_a   99.891
_cell.length_b   99.891
_cell.length_c   36.472
_cell.angle_alpha   90.000
_cell.angle_beta   90.000
_cell.angle_gamma   120.000
#
_symmetry.space_group_name_H-M   'P 64'
#
loop_
_entity.id
_entity.type
_entity.pdbx_description
1 polymer 'Transcriptional regulator'
2 non-polymer 'CHLORIDE ION'
3 non-polymer GLYCEROL
4 water water
#
_entity_poly.entity_id   1
_entity_poly.type   'polypeptide(L)'
_entity_poly.pdbx_seq_one_letter_code
;GSMRFLYHPDRKDISLPGVLYALGDPARLEIVRLLASKGEQCCAEFDFAIAKSTMSNHFKILRESGVVLTRKEGTQHINR
LRREDLETLFPGLLDAVLRSAQPLLTCQQSAIVK
;
_entity_poly.pdbx_strand_id   A,B
#
loop_
_chem_comp.id
_chem_comp.type
_chem_comp.name
_chem_comp.formula
CL non-polymer 'CHLORIDE ION' 'Cl -1'
GOL non-polymer GLYCEROL 'C3 H8 O3'
#
# COMPACT_ATOMS: atom_id res chain seq x y z
N GLY A 1 27.42 15.35 -10.68
CA GLY A 1 26.73 14.25 -11.37
C GLY A 1 27.05 12.97 -10.64
N SER A 2 26.33 12.70 -9.55
N SER A 2 26.24 12.64 -9.52
CA SER A 2 26.66 11.52 -8.70
CA SER A 2 26.58 11.47 -8.68
C SER A 2 25.77 10.34 -9.05
C SER A 2 25.69 10.29 -9.02
N MET A 3 26.34 9.15 -9.10
CA MET A 3 25.51 7.94 -9.26
C MET A 3 25.71 7.19 -7.93
N ARG A 4 25.85 7.93 -6.82
CA ARG A 4 26.15 7.37 -5.48
C ARG A 4 24.84 7.17 -4.71
N PHE A 5 24.24 6.01 -4.89
CA PHE A 5 22.91 5.80 -4.28
C PHE A 5 22.95 5.06 -2.95
N LEU A 6 22.04 5.46 -2.08
CA LEU A 6 21.88 4.75 -0.81
C LEU A 6 21.29 3.35 -1.10
N TYR A 7 21.26 2.51 -0.08
CA TYR A 7 20.74 1.13 -0.27
C TYR A 7 19.35 1.13 -0.94
N HIS A 8 19.23 0.29 -1.94
CA HIS A 8 17.95 0.08 -2.63
C HIS A 8 17.93 -1.41 -2.98
N PRO A 9 16.79 -2.10 -2.88
CA PRO A 9 16.75 -3.50 -3.28
C PRO A 9 16.77 -3.69 -4.79
N ASP A 10 17.30 -4.84 -5.20
CA ASP A 10 17.19 -5.27 -6.58
C ASP A 10 15.73 -5.48 -6.95
N ARG A 11 15.44 -5.27 -8.24
CA ARG A 11 14.07 -5.43 -8.74
C ARG A 11 13.48 -6.75 -8.28
N LYS A 12 14.30 -7.81 -8.24
CA LYS A 12 13.83 -9.13 -7.86
C LYS A 12 13.38 -9.20 -6.41
N ASP A 13 13.78 -8.24 -5.58
CA ASP A 13 13.48 -8.27 -4.16
C ASP A 13 12.35 -7.30 -3.79
N ILE A 14 11.71 -6.71 -4.77
CA ILE A 14 10.59 -5.81 -4.54
C ILE A 14 9.29 -6.63 -4.56
N SER A 15 8.48 -6.46 -3.52
CA SER A 15 7.19 -7.14 -3.44
C SER A 15 6.05 -6.13 -3.46
N LEU A 16 4.89 -6.58 -3.98
CA LEU A 16 3.70 -5.74 -4.01
C LEU A 16 3.24 -5.32 -2.62
N PRO A 17 3.10 -6.22 -1.63
CA PRO A 17 2.76 -5.75 -0.28
C PRO A 17 3.75 -4.74 0.27
N GLY A 18 5.05 -4.94 0.03
CA GLY A 18 6.03 -3.97 0.51
C GLY A 18 5.86 -2.61 -0.14
N VAL A 19 5.56 -2.59 -1.45
CA VAL A 19 5.30 -1.32 -2.14
C VAL A 19 4.04 -0.67 -1.59
N LEU A 20 2.96 -1.45 -1.43
CA LEU A 20 1.70 -0.87 -0.96
C LEU A 20 1.85 -0.32 0.46
N TYR A 21 2.58 -1.03 1.32
CA TYR A 21 2.87 -0.51 2.66
C TYR A 21 3.60 0.83 2.58
N ALA A 22 4.53 0.95 1.64
CA ALA A 22 5.29 2.18 1.51
C ALA A 22 4.40 3.33 1.02
N LEU A 23 3.46 3.05 0.14
CA LEU A 23 2.51 4.07 -0.28
C LEU A 23 1.43 4.34 0.77
N GLY A 24 1.30 3.47 1.76
CA GLY A 24 0.14 3.52 2.65
C GLY A 24 0.32 4.48 3.81
N ASP A 25 0.54 5.75 3.49
CA ASP A 25 0.78 6.82 4.45
C ASP A 25 0.62 8.15 3.74
N PRO A 26 -0.13 9.10 4.30
CA PRO A 26 -0.35 10.39 3.61
C PRO A 26 0.95 11.11 3.27
N ALA A 27 1.93 11.11 4.16
CA ALA A 27 3.21 11.75 3.83
C ALA A 27 3.92 11.02 2.69
N ARG A 28 4.03 9.69 2.78
CA ARG A 28 4.80 8.97 1.77
C ARG A 28 4.10 8.96 0.43
N LEU A 29 2.77 8.87 0.42
CA LEU A 29 2.03 8.93 -0.85
C LEU A 29 2.27 10.27 -1.54
N GLU A 30 2.26 11.38 -0.76
CA GLU A 30 2.47 12.69 -1.33
C GLU A 30 3.90 12.85 -1.86
N ILE A 31 4.89 12.27 -1.15
CA ILE A 31 6.25 12.25 -1.69
C ILE A 31 6.26 11.59 -3.06
N VAL A 32 5.63 10.43 -3.17
CA VAL A 32 5.61 9.70 -4.44
C VAL A 32 4.86 10.49 -5.50
N ARG A 33 3.73 11.10 -5.12
CA ARG A 33 2.97 11.92 -6.06
C ARG A 33 3.81 13.06 -6.61
N LEU A 34 4.62 13.68 -5.75
CA LEU A 34 5.43 14.82 -6.18
C LEU A 34 6.62 14.36 -7.03
N LEU A 35 7.27 13.27 -6.65
CA LEU A 35 8.34 12.72 -7.49
C LEU A 35 7.81 12.38 -8.88
N ALA A 36 6.58 11.90 -8.95
CA ALA A 36 6.01 11.47 -10.22
C ALA A 36 5.71 12.63 -11.14
N SER A 37 5.32 13.78 -10.58
CA SER A 37 4.92 14.91 -11.42
C SER A 37 6.00 15.96 -11.59
N LYS A 38 6.91 16.10 -10.61
CA LYS A 38 7.96 17.12 -10.66
C LYS A 38 9.33 16.55 -11.02
N GLY A 39 9.52 15.24 -10.91
CA GLY A 39 10.84 14.65 -11.13
C GLY A 39 11.62 14.58 -9.83
N GLU A 40 12.93 14.37 -9.97
CA GLU A 40 13.79 14.22 -8.81
C GLU A 40 13.68 15.43 -7.90
N GLN A 41 13.73 15.19 -6.58
CA GLN A 41 13.47 16.20 -5.56
C GLN A 41 14.37 15.97 -4.34
N CYS A 42 14.92 17.05 -3.81
N CYS A 42 14.94 17.04 -3.82
CA CYS A 42 15.73 16.96 -2.56
CA CYS A 42 15.78 16.92 -2.60
C CYS A 42 14.83 16.59 -1.38
C CYS A 42 14.88 16.64 -1.39
N CYS A 43 15.42 15.91 -0.41
CA CYS A 43 14.65 15.55 0.79
C CYS A 43 14.08 16.79 1.49
N ALA A 44 14.80 17.90 1.47
CA ALA A 44 14.37 19.09 2.18
C ALA A 44 13.09 19.68 1.60
N GLU A 45 12.65 19.23 0.43
CA GLU A 45 11.40 19.70 -0.13
C GLU A 45 10.18 19.05 0.51
N PHE A 46 10.36 18.02 1.32
CA PHE A 46 9.26 17.23 1.83
C PHE A 46 9.14 17.46 3.34
N ASP A 47 8.57 18.61 3.72
CA ASP A 47 8.36 19.00 5.15
C ASP A 47 6.99 18.48 5.58
N PHE A 48 6.89 17.16 5.78
CA PHE A 48 5.57 16.53 6.04
C PHE A 48 5.51 15.88 7.44
N ALA A 49 6.34 16.33 8.35
CA ALA A 49 6.27 15.81 9.73
C ALA A 49 6.83 16.82 10.70
N ILE A 50 6.42 16.73 11.97
CA ILE A 50 7.00 17.62 13.01
C ILE A 50 8.45 17.21 13.31
N ALA A 51 8.77 15.92 13.19
CA ALA A 51 10.11 15.47 13.58
C ALA A 51 10.93 15.00 12.39
N LYS A 52 12.20 15.40 12.39
CA LYS A 52 13.12 14.96 11.34
C LYS A 52 13.30 13.45 11.37
N SER A 53 13.25 12.83 12.55
CA SER A 53 13.35 11.37 12.62
C SER A 53 12.17 10.69 11.94
N THR A 54 11.03 11.39 11.87
CA THR A 54 9.87 10.81 11.21
C THR A 54 10.04 10.85 9.69
N MET A 55 10.56 11.97 9.17
CA MET A 55 10.83 12.06 7.74
C MET A 55 11.91 11.08 7.32
N SER A 56 12.98 10.99 8.11
N SER A 56 12.90 10.94 8.13
CA SER A 56 14.03 10.03 7.78
CA SER A 56 13.95 9.98 7.81
C SER A 56 13.46 8.62 7.66
C SER A 56 13.38 8.58 7.69
N ASN A 57 12.60 8.23 8.61
CA ASN A 57 11.98 6.91 8.56
C ASN A 57 11.09 6.76 7.31
N HIS A 58 10.34 7.79 6.93
CA HIS A 58 9.52 7.74 5.68
C HIS A 58 10.42 7.40 4.48
N PHE A 59 11.53 8.11 4.34
CA PHE A 59 12.43 7.89 3.18
C PHE A 59 13.06 6.49 3.27
N LYS A 60 13.48 6.07 4.46
CA LYS A 60 14.00 4.69 4.66
C LYS A 60 12.98 3.68 4.13
N ILE A 61 11.72 3.83 4.49
CA ILE A 61 10.68 2.87 4.04
C ILE A 61 10.53 2.95 2.51
N LEU A 62 10.46 4.15 1.95
CA LEU A 62 10.35 4.29 0.48
C LEU A 62 11.55 3.62 -0.22
N ARG A 63 12.75 3.72 0.33
CA ARG A 63 13.91 3.13 -0.35
C ARG A 63 13.90 1.62 -0.15
N GLU A 64 13.71 1.16 1.08
CA GLU A 64 13.79 -0.31 1.35
C GLU A 64 12.66 -1.07 0.62
N SER A 65 11.52 -0.45 0.41
N SER A 65 11.52 -0.44 0.40
CA SER A 65 10.38 -1.13 -0.23
CA SER A 65 10.38 -1.15 -0.24
C SER A 65 10.52 -1.16 -1.75
C SER A 65 10.58 -1.24 -1.76
N GLY A 66 11.50 -0.43 -2.30
CA GLY A 66 11.69 -0.42 -3.73
C GLY A 66 11.01 0.70 -4.49
N VAL A 67 10.44 1.68 -3.80
CA VAL A 67 9.73 2.76 -4.50
C VAL A 67 10.66 3.89 -4.95
N VAL A 68 11.68 4.22 -4.17
CA VAL A 68 12.44 5.44 -4.33
C VAL A 68 13.92 5.09 -4.32
N LEU A 69 14.76 5.76 -5.17
CA LEU A 69 16.22 5.75 -4.96
C LEU A 69 16.56 7.09 -4.29
N THR A 70 17.54 7.04 -3.56
CA THR A 70 18.07 8.25 -2.93
C THR A 70 19.55 8.36 -3.25
N ARG A 71 19.90 9.50 -3.83
CA ARG A 71 21.28 9.80 -4.25
C ARG A 71 21.87 10.83 -3.30
N LYS A 72 23.10 10.59 -2.89
CA LYS A 72 23.81 11.57 -2.08
C LYS A 72 24.62 12.46 -3.01
N GLU A 73 24.29 13.75 -3.02
CA GLU A 73 25.05 14.71 -3.85
C GLU A 73 25.44 15.95 -3.02
N GLY A 74 26.72 16.05 -2.65
CA GLY A 74 27.14 17.15 -1.82
C GLY A 74 26.45 17.06 -0.48
N THR A 75 25.70 18.10 -0.13
CA THR A 75 24.97 18.18 1.11
C THR A 75 23.54 17.68 1.02
N GLN A 76 23.09 17.41 -0.20
CA GLN A 76 21.66 17.05 -0.32
C GLN A 76 21.45 15.57 -0.59
N HIS A 77 20.27 15.08 -0.24
CA HIS A 77 19.83 13.75 -0.65
C HIS A 77 18.71 13.92 -1.66
N ILE A 78 18.96 13.46 -2.88
CA ILE A 78 18.01 13.64 -3.99
C ILE A 78 17.28 12.32 -4.23
N ASN A 79 15.96 12.39 -4.30
CA ASN A 79 15.12 11.22 -4.42
C ASN A 79 14.57 11.11 -5.84
N ARG A 80 14.45 9.88 -6.31
CA ARG A 80 14.00 9.57 -7.66
C ARG A 80 13.02 8.40 -7.60
N LEU A 81 11.89 8.54 -8.29
CA LEU A 81 10.93 7.46 -8.34
C LEU A 81 11.46 6.34 -9.22
N ARG A 82 11.32 5.10 -8.75
CA ARG A 82 11.76 3.93 -9.52
C ARG A 82 10.68 3.53 -10.52
N ARG A 83 10.41 4.45 -11.46
CA ARG A 83 9.31 4.29 -12.40
C ARG A 83 9.43 2.99 -13.20
N GLU A 84 10.61 2.71 -13.78
CA GLU A 84 10.74 1.54 -14.63
C GLU A 84 10.55 0.26 -13.84
N ASP A 85 11.20 0.15 -12.67
CA ASP A 85 11.08 -1.04 -11.86
C ASP A 85 9.63 -1.28 -11.45
N LEU A 86 8.95 -0.23 -10.97
CA LEU A 86 7.58 -0.36 -10.52
C LEU A 86 6.63 -0.67 -11.68
N GLU A 87 6.79 0.00 -12.81
CA GLU A 87 5.92 -0.28 -13.95
C GLU A 87 6.18 -1.66 -14.56
N THR A 88 7.42 -2.13 -14.54
CA THR A 88 7.69 -3.47 -15.06
C THR A 88 7.11 -4.54 -14.15
N LEU A 89 7.26 -4.39 -12.84
CA LEU A 89 6.74 -5.38 -11.89
C LEU A 89 5.22 -5.30 -11.73
N PHE A 90 4.67 -4.10 -11.61
CA PHE A 90 3.27 -3.88 -11.27
C PHE A 90 2.62 -3.00 -12.33
N PRO A 91 2.37 -3.57 -13.53
CA PRO A 91 1.79 -2.77 -14.62
C PRO A 91 0.51 -2.08 -14.19
N GLY A 92 0.42 -0.79 -14.49
CA GLY A 92 -0.77 -0.02 -14.20
C GLY A 92 -0.95 0.42 -12.76
N LEU A 93 -0.05 0.03 -11.85
CA LEU A 93 -0.24 0.35 -10.43
C LEU A 93 0.01 1.83 -10.17
N LEU A 94 1.16 2.34 -10.61
CA LEU A 94 1.47 3.76 -10.38
C LEU A 94 0.38 4.67 -10.92
N ASP A 95 -0.09 4.41 -12.14
CA ASP A 95 -1.16 5.22 -12.74
C ASP A 95 -2.41 5.19 -11.88
N ALA A 96 -2.80 4.00 -11.42
CA ALA A 96 -4.03 3.86 -10.64
C ALA A 96 -3.89 4.58 -9.30
N VAL A 97 -2.73 4.46 -8.65
CA VAL A 97 -2.53 5.16 -7.39
C VAL A 97 -2.51 6.66 -7.61
N LEU A 98 -1.73 7.11 -8.58
CA LEU A 98 -1.60 8.56 -8.81
C LEU A 98 -2.91 9.17 -9.29
N ARG A 99 -3.71 8.44 -10.06
CA ARG A 99 -5.01 8.98 -10.55
C ARG A 99 -5.91 9.37 -9.36
N SER A 100 -5.79 8.68 -8.23
CA SER A 100 -6.67 8.99 -7.11
C SER A 100 -6.00 9.76 -5.98
N ALA A 101 -4.67 9.89 -5.97
CA ALA A 101 -3.98 10.58 -4.89
C ALA A 101 -4.43 12.03 -4.83
N GLN A 102 -4.81 12.47 -3.64
CA GLN A 102 -5.17 13.88 -3.49
C GLN A 102 -4.00 14.65 -2.89
N PRO A 103 -3.70 15.83 -3.43
CA PRO A 103 -2.62 16.65 -2.86
C PRO A 103 -2.79 16.82 -1.35
N LEU A 104 -1.69 16.64 -0.62
CA LEU A 104 -1.74 16.63 0.83
C LEU A 104 -1.74 18.06 1.36
N MET B 3 -29.02 -8.07 10.06
CA MET B 3 -27.69 -8.68 10.01
C MET B 3 -26.74 -7.97 10.96
N ARG B 4 -25.88 -8.77 11.59
CA ARG B 4 -24.91 -8.25 12.57
C ARG B 4 -23.65 -7.84 11.82
N PHE B 5 -23.70 -6.66 11.20
CA PHE B 5 -22.51 -6.10 10.58
C PHE B 5 -21.54 -5.56 11.64
N LEU B 6 -20.28 -5.93 11.52
CA LEU B 6 -19.25 -5.39 12.39
C LEU B 6 -18.93 -3.94 11.99
N TYR B 7 -18.11 -3.29 12.82
CA TYR B 7 -17.72 -1.91 12.56
C TYR B 7 -17.25 -1.73 11.13
N HIS B 8 -17.68 -0.64 10.50
CA HIS B 8 -17.12 -0.30 9.21
C HIS B 8 -17.35 1.18 8.97
N PRO B 9 -16.39 1.90 8.39
CA PRO B 9 -16.56 3.32 8.13
C PRO B 9 -17.53 3.59 6.98
N ASP B 10 -18.16 4.75 7.03
CA ASP B 10 -18.87 5.24 5.86
C ASP B 10 -17.87 5.56 4.76
N ARG B 11 -18.34 5.47 3.51
CA ARG B 11 -17.46 5.71 2.33
C ARG B 11 -16.71 7.03 2.47
N LYS B 12 -17.38 8.07 2.99
CA LYS B 12 -16.73 9.42 3.11
C LYS B 12 -15.45 9.32 3.94
N ASP B 13 -15.39 8.40 4.91
CA ASP B 13 -14.23 8.32 5.79
C ASP B 13 -13.18 7.32 5.31
N ILE B 14 -13.26 6.88 4.06
CA ILE B 14 -12.28 5.95 3.49
C ILE B 14 -11.25 6.78 2.73
N SER B 15 -9.97 6.62 3.07
CA SER B 15 -8.89 7.32 2.39
C SER B 15 -8.00 6.37 1.62
N LEU B 16 -7.36 6.90 0.57
CA LEU B 16 -6.42 6.12 -0.23
C LEU B 16 -5.23 5.62 0.57
N PRO B 17 -4.54 6.45 1.38
CA PRO B 17 -3.48 5.90 2.24
C PRO B 17 -3.94 4.74 3.13
N GLY B 18 -5.15 4.84 3.70
CA GLY B 18 -5.64 3.75 4.54
C GLY B 18 -5.86 2.48 3.76
N VAL B 19 -6.40 2.59 2.55
CA VAL B 19 -6.63 1.43 1.71
C VAL B 19 -5.29 0.79 1.31
N LEU B 20 -4.35 1.61 0.83
CA LEU B 20 -3.03 1.09 0.47
C LEU B 20 -2.37 0.43 1.68
N TYR B 21 -2.48 1.06 2.86
CA TYR B 21 -1.95 0.47 4.08
C TYR B 21 -2.58 -0.90 4.35
N ALA B 22 -3.90 -0.99 4.23
CA ALA B 22 -4.57 -2.28 4.47
C ALA B 22 -4.06 -3.35 3.53
N LEU B 23 -3.82 -3.00 2.25
CA LEU B 23 -3.30 -3.98 1.30
C LEU B 23 -1.81 -4.22 1.47
N GLY B 24 -1.14 -3.43 2.32
CA GLY B 24 0.30 -3.47 2.42
C GLY B 24 0.82 -4.57 3.32
N ASP B 25 0.26 -5.76 3.19
CA ASP B 25 0.66 -6.89 3.98
C ASP B 25 0.34 -8.14 3.19
N PRO B 26 1.26 -9.11 3.15
CA PRO B 26 1.01 -10.34 2.37
C PRO B 26 -0.24 -11.08 2.78
N ALA B 27 -0.50 -11.21 4.09
CA ALA B 27 -1.70 -11.89 4.54
C ALA B 27 -2.96 -11.13 4.13
N ARG B 28 -2.98 -9.81 4.38
CA ARG B 28 -4.17 -9.03 4.03
C ARG B 28 -4.37 -8.95 2.52
N LEU B 29 -3.28 -8.82 1.76
CA LEU B 29 -3.43 -8.79 0.31
C LEU B 29 -4.06 -10.10 -0.18
N GLU B 30 -3.65 -11.22 0.41
CA GLU B 30 -4.16 -12.52 0.00
C GLU B 30 -5.64 -12.66 0.36
N ILE B 31 -6.05 -12.11 1.51
CA ILE B 31 -7.46 -12.10 1.84
C ILE B 31 -8.26 -11.35 0.79
N VAL B 32 -7.79 -10.15 0.43
CA VAL B 32 -8.48 -9.35 -0.57
C VAL B 32 -8.50 -10.07 -1.91
N ARG B 33 -7.39 -10.72 -2.26
CA ARG B 33 -7.31 -11.41 -3.53
C ARG B 33 -8.33 -12.54 -3.60
N LEU B 34 -8.47 -13.31 -2.52
CA LEU B 34 -9.43 -14.40 -2.50
C LEU B 34 -10.88 -13.88 -2.43
N LEU B 35 -11.15 -12.84 -1.65
CA LEU B 35 -12.50 -12.28 -1.62
C LEU B 35 -12.91 -11.76 -2.99
N ALA B 36 -11.97 -11.21 -3.75
CA ALA B 36 -12.29 -10.71 -5.08
C ALA B 36 -12.61 -11.84 -6.06
N SER B 37 -11.88 -12.95 -5.99
CA SER B 37 -12.08 -14.02 -6.97
C SER B 37 -13.18 -15.00 -6.58
N LYS B 38 -13.36 -15.26 -5.29
CA LYS B 38 -14.34 -16.26 -4.84
C LYS B 38 -15.56 -15.66 -4.14
N GLY B 39 -15.61 -14.35 -3.93
CA GLY B 39 -16.72 -13.77 -3.20
C GLY B 39 -16.59 -14.01 -1.69
N GLU B 40 -17.72 -13.94 -0.99
CA GLU B 40 -17.69 -13.86 0.47
C GLU B 40 -17.15 -15.14 1.07
N GLN B 41 -16.35 -14.98 2.13
CA GLN B 41 -15.62 -16.06 2.80
C GLN B 41 -15.59 -15.79 4.29
N CYS B 42 -15.83 -16.83 5.10
CA CYS B 42 -15.69 -16.61 6.53
C CYS B 42 -14.22 -16.54 6.91
N CYS B 43 -13.94 -15.93 8.05
CA CYS B 43 -12.56 -15.82 8.54
C CYS B 43 -11.84 -17.17 8.53
N ALA B 44 -12.55 -18.25 8.87
CA ALA B 44 -11.85 -19.52 9.04
C ALA B 44 -11.32 -20.09 7.72
N GLU B 45 -11.80 -19.61 6.58
CA GLU B 45 -11.27 -20.08 5.30
C GLU B 45 -9.83 -19.66 5.07
N PHE B 46 -9.38 -18.61 5.74
CA PHE B 46 -8.03 -18.10 5.53
C PHE B 46 -7.12 -18.78 6.55
N ASP B 47 -6.74 -20.00 6.20
CA ASP B 47 -5.91 -20.86 7.04
C ASP B 47 -4.44 -20.50 6.82
N PHE B 48 -4.08 -19.35 7.37
CA PHE B 48 -2.68 -18.91 7.26
C PHE B 48 -1.91 -19.51 8.44
N ALA B 49 -0.61 -19.72 8.23
CA ALA B 49 0.26 -20.16 9.33
C ALA B 49 0.68 -18.94 10.15
N ILE B 50 -0.32 -18.33 10.78
CA ILE B 50 -0.20 -17.03 11.44
C ILE B 50 -1.00 -17.10 12.74
N ALA B 51 -0.50 -16.42 13.78
CA ALA B 51 -1.10 -16.48 15.11
C ALA B 51 -2.51 -15.89 15.10
N LYS B 52 -3.32 -16.32 16.08
CA LYS B 52 -4.73 -15.92 16.14
C LYS B 52 -4.87 -14.42 16.35
N SER B 53 -4.15 -13.86 17.32
CA SER B 53 -4.27 -12.43 17.56
C SER B 53 -3.82 -11.62 16.35
N THR B 54 -2.84 -12.13 15.60
CA THR B 54 -2.35 -11.40 14.44
C THR B 54 -3.37 -11.40 13.32
N MET B 55 -4.02 -12.55 13.07
CA MET B 55 -5.10 -12.59 12.09
C MET B 55 -6.24 -11.67 12.50
N SER B 56 -6.56 -11.62 13.79
CA SER B 56 -7.62 -10.73 14.25
C SER B 56 -7.29 -9.27 13.97
N ASN B 57 -6.07 -8.84 14.29
CA ASN B 57 -5.64 -7.49 13.94
C ASN B 57 -5.72 -7.24 12.43
N HIS B 58 -5.38 -8.25 11.62
CA HIS B 58 -5.44 -8.08 10.15
C HIS B 58 -6.85 -7.75 9.69
N PHE B 59 -7.85 -8.46 10.23
CA PHE B 59 -9.22 -8.21 9.81
C PHE B 59 -9.72 -6.88 10.35
N LYS B 60 -9.29 -6.49 11.56
CA LYS B 60 -9.60 -5.15 12.04
C LYS B 60 -9.02 -4.09 11.11
N ILE B 61 -7.76 -4.24 10.71
CA ILE B 61 -7.16 -3.29 9.77
C ILE B 61 -7.96 -3.22 8.47
N LEU B 62 -8.36 -4.37 7.94
CA LEU B 62 -9.12 -4.37 6.69
C LEU B 62 -10.46 -3.67 6.84
N ARG B 63 -11.14 -3.86 7.98
CA ARG B 63 -12.41 -3.19 8.20
C ARG B 63 -12.24 -1.70 8.46
N GLU B 64 -11.27 -1.32 9.32
CA GLU B 64 -11.11 0.10 9.65
C GLU B 64 -10.70 0.90 8.41
N SER B 65 -9.93 0.29 7.53
CA SER B 65 -9.47 0.97 6.32
C SER B 65 -10.55 1.10 5.26
N GLY B 66 -11.71 0.44 5.44
CA GLY B 66 -12.76 0.50 4.45
C GLY B 66 -12.69 -0.54 3.35
N VAL B 67 -11.85 -1.56 3.48
CA VAL B 67 -11.68 -2.56 2.43
C VAL B 67 -12.67 -3.71 2.57
N VAL B 68 -12.94 -4.16 3.80
CA VAL B 68 -13.74 -5.35 4.03
C VAL B 68 -14.94 -4.99 4.89
N LEU B 69 -16.08 -5.59 4.57
CA LEU B 69 -17.27 -5.56 5.40
C LEU B 69 -17.45 -6.95 6.00
N THR B 70 -17.54 -7.02 7.34
CA THR B 70 -17.71 -8.31 8.02
C THR B 70 -19.05 -8.33 8.75
N ARG B 71 -19.70 -9.49 8.76
CA ARG B 71 -20.91 -9.68 9.55
C ARG B 71 -20.84 -11.02 10.26
N LYS B 72 -21.48 -11.11 11.41
CA LYS B 72 -21.59 -12.37 12.13
C LYS B 72 -22.85 -13.09 11.65
N GLU B 73 -22.68 -14.34 11.22
CA GLU B 73 -23.76 -15.21 10.80
C GLU B 73 -23.57 -16.54 11.52
N GLY B 74 -24.51 -16.89 12.38
CA GLY B 74 -24.22 -18.00 13.28
C GLY B 74 -23.02 -17.65 14.13
N THR B 75 -22.04 -18.55 14.18
CA THR B 75 -20.75 -18.23 14.80
C THR B 75 -19.69 -17.88 13.77
N GLN B 76 -20.03 -17.80 12.49
CA GLN B 76 -19.04 -17.44 11.49
C GLN B 76 -18.95 -15.93 11.33
N HIS B 77 -17.75 -15.46 10.97
CA HIS B 77 -17.55 -14.07 10.59
C HIS B 77 -17.36 -14.00 9.08
N ILE B 78 -18.36 -13.48 8.39
CA ILE B 78 -18.42 -13.52 6.93
C ILE B 78 -17.88 -12.21 6.38
N ASN B 79 -16.84 -12.30 5.56
CA ASN B 79 -16.15 -11.14 5.01
C ASN B 79 -16.55 -10.90 3.55
N ARG B 80 -16.71 -9.63 3.20
CA ARG B 80 -17.06 -9.19 1.86
C ARG B 80 -16.14 -8.06 1.45
N LEU B 81 -15.54 -8.17 0.27
CA LEU B 81 -14.80 -7.07 -0.30
C LEU B 81 -15.77 -5.94 -0.64
N ARG B 82 -15.43 -4.72 -0.21
CA ARG B 82 -16.27 -3.54 -0.49
C ARG B 82 -15.98 -3.00 -1.88
N ARG B 83 -16.19 -3.89 -2.87
CA ARG B 83 -15.84 -3.59 -4.26
C ARG B 83 -16.52 -2.31 -4.75
N GLU B 84 -17.82 -2.17 -4.49
CA GLU B 84 -18.55 -1.01 -5.02
C GLU B 84 -18.03 0.29 -4.41
N ASP B 85 -17.81 0.32 -3.10
CA ASP B 85 -17.26 1.52 -2.48
C ASP B 85 -15.87 1.82 -3.02
N LEU B 86 -15.02 0.80 -3.11
CA LEU B 86 -13.65 1.04 -3.54
C LEU B 86 -13.59 1.50 -5.00
N GLU B 87 -14.40 0.89 -5.87
CA GLU B 87 -14.42 1.32 -7.27
C GLU B 87 -14.97 2.73 -7.41
N THR B 88 -15.94 3.10 -6.57
CA THR B 88 -16.49 4.45 -6.61
C THR B 88 -15.44 5.49 -6.23
N LEU B 89 -14.61 5.18 -5.23
CA LEU B 89 -13.62 6.13 -4.74
C LEU B 89 -12.33 6.10 -5.54
N PHE B 90 -11.85 4.92 -5.91
CA PHE B 90 -10.51 4.71 -6.45
C PHE B 90 -10.61 3.84 -7.70
N PRO B 91 -11.12 4.40 -8.81
CA PRO B 91 -11.36 3.59 -10.01
C PRO B 91 -10.10 2.90 -10.52
N GLY B 92 -10.22 1.60 -10.80
CA GLY B 92 -9.10 0.85 -11.34
C GLY B 92 -8.04 0.47 -10.33
N LEU B 93 -8.16 0.90 -9.08
CA LEU B 93 -7.14 0.55 -8.10
C LEU B 93 -7.14 -0.95 -7.83
N LEU B 94 -8.30 -1.51 -7.49
CA LEU B 94 -8.38 -2.94 -7.19
C LEU B 94 -7.85 -3.77 -8.35
N ASP B 95 -8.26 -3.44 -9.58
CA ASP B 95 -7.84 -4.21 -10.74
C ASP B 95 -6.32 -4.16 -10.92
N ALA B 96 -5.72 -3.00 -10.70
CA ALA B 96 -4.28 -2.89 -10.88
C ALA B 96 -3.52 -3.67 -9.81
N VAL B 97 -4.05 -3.68 -8.59
CA VAL B 97 -3.42 -4.45 -7.52
C VAL B 97 -3.60 -5.95 -7.76
N LEU B 98 -4.84 -6.37 -8.02
CA LEU B 98 -5.10 -7.80 -8.17
C LEU B 98 -4.42 -8.39 -9.40
N ARG B 99 -4.22 -7.59 -10.43
CA ARG B 99 -3.47 -8.03 -11.63
C ARG B 99 -2.10 -8.56 -11.22
N SER B 100 -1.46 -7.94 -10.24
CA SER B 100 -0.10 -8.29 -9.90
C SER B 100 0.03 -9.08 -8.60
N ALA B 101 -1.05 -9.25 -7.87
CA ALA B 101 -0.98 -9.96 -6.60
C ALA B 101 -0.67 -11.43 -6.84
N GLN B 102 0.36 -11.93 -6.17
CA GLN B 102 0.78 -13.32 -6.32
C GLN B 102 0.11 -14.19 -5.27
N PRO B 103 -0.49 -15.32 -5.65
CA PRO B 103 -1.19 -16.15 -4.67
C PRO B 103 -0.27 -16.73 -3.62
N LEU B 104 -0.87 -17.05 -2.47
CA LEU B 104 -0.19 -17.69 -1.37
C LEU B 104 -0.88 -18.99 -0.98
N LEU B 105 -2.15 -18.88 -0.56
CA LEU B 105 -2.92 -20.03 -0.01
C LEU B 105 -3.34 -21.05 -1.07
N THR B 106 -3.56 -20.63 -2.31
CA THR B 106 -3.96 -21.54 -3.41
C THR B 106 -2.72 -22.08 -4.12
N CYS B 107 -1.52 -21.74 -3.65
CA CYS B 107 -0.28 -22.08 -4.39
C CYS B 107 0.62 -22.98 -3.56
CL CL C . 18.08 17.22 1.26
CL CL D . 18.43 -6.79 -3.02
C1 GOL E . 13.60 15.73 -14.26
O1 GOL E . 12.79 16.77 -13.72
C2 GOL E . 14.25 14.92 -13.17
O2 GOL E . 14.22 13.52 -13.51
C3 GOL E . 15.67 15.33 -12.85
O3 GOL E . 15.71 16.65 -12.30
C1 GOL F . 7.30 -2.52 -19.86
O1 GOL F . 6.31 -1.86 -19.07
C2 GOL F . 7.54 -3.94 -19.40
O2 GOL F . 6.32 -4.67 -19.39
C3 GOL F . 8.57 -4.66 -20.24
O3 GOL F . 9.14 -5.76 -19.54
CL CL G . -15.30 -17.61 10.79
C1 GOL H . -21.51 -0.50 3.97
O1 GOL H . -21.75 -1.59 3.09
C2 GOL H . -22.81 0.06 4.50
O2 GOL H . -23.48 -0.92 5.28
C3 GOL H . -22.65 1.34 5.30
O3 GOL H . -21.41 2.00 5.00
C1 GOL I . 1.34 -21.89 4.89
O1 GOL I . 0.10 -22.48 5.28
C2 GOL I . 1.13 -20.71 3.97
O2 GOL I . 0.43 -21.11 2.80
C3 GOL I . 0.42 -19.55 4.63
O3 GOL I . 1.12 -19.09 5.80
C1 GOL J . -19.41 -20.44 3.94
O1 GOL J . -19.25 -20.00 5.29
C2 GOL J . -19.00 -19.36 2.95
O2 GOL J . -19.67 -19.55 1.71
C3 GOL J . -17.51 -19.30 2.71
O3 GOL J . -16.79 -19.22 3.94
C1 GOL K . -13.61 -11.15 13.10
O1 GOL K . -13.67 -10.89 11.70
C2 GOL K . -12.19 -11.42 13.54
O2 GOL K . -11.69 -12.61 12.92
C3 GOL K . -11.25 -10.27 13.28
O3 GOL K . -11.56 -9.14 14.07
C1 GOL L . -18.00 -10.18 17.15
O1 GOL L . -18.98 -10.27 16.12
C2 GOL L . -17.06 -9.02 16.93
O2 GOL L . -17.37 -7.97 17.84
C3 GOL L . -15.61 -9.39 17.04
O3 GOL L . -14.99 -9.49 15.76
#